data_2GM0
#
_entry.id   2GM0
#
_entity_poly.entity_id   1
_entity_poly.type   'polyribonucleotide'
_entity_poly.pdbx_seq_one_letter_code
;GACGGCUUGCUGAAGCGCGCACGGCAAGAGGCGUC
;
_entity_poly.pdbx_strand_id   A,B
#
loop_
_chem_comp.id
_chem_comp.type
_chem_comp.name
_chem_comp.formula
A RNA linking ADENOSINE-5'-MONOPHOSPHATE 'C10 H14 N5 O7 P'
C RNA linking CYTIDINE-5'-MONOPHOSPHATE 'C9 H14 N3 O8 P'
G RNA linking GUANOSINE-5'-MONOPHOSPHATE 'C10 H14 N5 O8 P'
U RNA linking URIDINE-5'-MONOPHOSPHATE 'C9 H13 N2 O9 P'
#